data_3TZG
#
_entry.id   3TZG
#
_cell.length_a   84.663
_cell.length_b   84.663
_cell.length_c   175.426
_cell.angle_alpha   90.000
_cell.angle_beta   90.000
_cell.angle_gamma   90.000
#
_symmetry.space_group_name_H-M   'P 43 21 2'
#
loop_
_entity.id
_entity.type
_entity.pdbx_description
1 polymer 'hypothetical protein BVU_2266'
2 water water
#
_entity_poly.entity_id   1
_entity_poly.type   'polypeptide(L)'
_entity_poly.pdbx_seq_one_letter_code
;GKEKKADTYVTKVTDLTGEEEQVLKLEYDRDGKIIKYGDTPVRYEGDQITIGQ(MSE)NCLNTGNKLCNVTFQIGKGKAR
ESRARC(MSE)LKVGEEVYEADKQTVYDYKGDTIFINSDYRATSDYRFLKKVQGKYVFDQLGRLKEV(MSE)TVFTEAND
SVSSCHTYYNYDNNINYQANLNLQAYVIDYDGVDSFFYFLLNLGQLRNRTALPNDIGYC(MSE)NHGLSTYNVHANYRLD
DENPVRIEVLYNYTKLLSRIDLSYNPLN
;
_entity_poly.pdbx_strand_id   A,B
#
# COMPACT_ATOMS: atom_id res chain seq x y z
N ASP A 7 -10.73 22.06 28.01
CA ASP A 7 -9.79 21.14 27.34
C ASP A 7 -8.36 21.53 27.76
N THR A 8 -7.83 20.89 28.83
CA THR A 8 -6.53 21.21 29.46
C THR A 8 -5.36 20.65 28.64
N TYR A 9 -4.22 21.37 28.62
CA TYR A 9 -3.04 21.03 27.81
C TYR A 9 -1.95 20.28 28.60
N VAL A 10 -1.45 19.20 28.01
CA VAL A 10 -0.40 18.36 28.57
C VAL A 10 0.91 19.06 28.25
N THR A 11 1.67 19.41 29.30
CA THR A 11 2.93 20.13 29.14
C THR A 11 4.17 19.25 29.38
N LYS A 12 4.00 18.11 30.06
CA LYS A 12 5.12 17.23 30.39
C LYS A 12 4.62 15.80 30.51
N VAL A 13 5.30 14.86 29.83
CA VAL A 13 5.04 13.42 29.82
C VAL A 13 6.31 12.75 30.36
N THR A 14 6.14 11.72 31.19
CA THR A 14 7.28 11.06 31.83
C THR A 14 7.09 9.55 31.74
N ASP A 15 7.89 8.92 30.89
CA ASP A 15 7.88 7.48 30.68
C ASP A 15 8.80 6.80 31.67
N LEU A 16 8.29 5.78 32.34
CA LEU A 16 9.10 5.05 33.31
C LEU A 16 9.36 3.63 32.73
N THR A 17 10.46 3.56 31.94
CA THR A 17 10.98 2.42 31.20
C THR A 17 12.23 1.86 31.94
N GLY A 18 11.97 0.87 32.80
CA GLY A 18 13.01 0.22 33.59
C GLY A 18 13.36 0.95 34.86
N GLU A 19 14.66 0.99 35.21
CA GLU A 19 15.17 1.64 36.42
C GLU A 19 15.33 3.16 36.20
N GLU A 20 15.54 3.58 34.93
CA GLU A 20 15.72 4.99 34.57
C GLU A 20 14.46 5.60 33.96
N GLU A 21 14.19 6.86 34.34
CA GLU A 21 13.07 7.70 33.85
C GLU A 21 13.40 8.23 32.43
N GLN A 22 12.47 9.04 31.87
CA GLN A 22 12.55 9.72 30.57
C GLN A 22 11.50 10.83 30.59
N VAL A 23 11.92 12.05 30.92
CA VAL A 23 10.99 13.16 31.05
C VAL A 23 11.03 14.01 29.77
N LEU A 24 9.88 14.09 29.09
CA LEU A 24 9.67 14.79 27.83
C LEU A 24 8.78 16.03 28.01
N LYS A 25 9.30 17.19 27.63
CA LYS A 25 8.58 18.48 27.68
C LYS A 25 7.83 18.66 26.37
N LEU A 26 6.55 19.05 26.44
CA LEU A 26 5.70 19.23 25.25
C LEU A 26 5.48 20.71 24.97
N GLU A 27 5.68 21.14 23.71
CA GLU A 27 5.53 22.55 23.33
C GLU A 27 4.44 22.72 22.27
N TYR A 28 3.75 23.88 22.32
CA TYR A 28 2.63 24.23 21.43
C TYR A 28 2.77 25.61 20.84
N ASP A 29 2.18 25.82 19.64
CA ASP A 29 2.19 27.13 18.98
C ASP A 29 0.99 27.96 19.45
N ARG A 30 0.87 29.21 18.95
CA ARG A 30 -0.18 30.19 19.29
C ARG A 30 -1.63 29.67 19.02
N ASP A 31 -1.79 28.56 18.26
CA ASP A 31 -3.10 28.00 17.95
C ASP A 31 -3.42 26.74 18.76
N GLY A 32 -2.44 26.24 19.52
CA GLY A 32 -2.63 25.04 20.34
C GLY A 32 -2.10 23.79 19.69
N LYS A 33 -1.50 23.92 18.49
CA LYS A 33 -0.93 22.79 17.74
C LYS A 33 0.38 22.38 18.40
N ILE A 34 0.63 21.06 18.56
CA ILE A 34 1.85 20.55 19.18
C ILE A 34 2.99 20.80 18.21
N ILE A 35 4.08 21.41 18.69
CA ILE A 35 5.18 21.71 17.79
C ILE A 35 6.44 20.99 18.29
N LYS A 36 6.35 20.34 19.47
CA LYS A 36 7.44 19.56 20.05
C LYS A 36 6.93 18.56 21.10
N TYR A 37 7.34 17.28 20.99
CA TYR A 37 7.06 16.17 21.93
C TYR A 37 8.41 15.66 22.41
N GLY A 38 8.92 16.28 23.47
CA GLY A 38 10.29 16.04 23.94
C GLY A 38 11.22 16.76 22.99
N ASP A 39 12.17 16.03 22.37
CA ASP A 39 13.10 16.59 21.37
C ASP A 39 12.62 16.25 19.96
N THR A 40 11.40 15.72 19.87
CA THR A 40 10.79 15.34 18.60
C THR A 40 9.93 16.53 18.10
N PRO A 41 10.30 17.17 16.98
CA PRO A 41 9.48 18.29 16.49
C PRO A 41 8.32 17.82 15.59
N VAL A 42 7.26 18.65 15.52
CA VAL A 42 6.07 18.41 14.69
C VAL A 42 5.90 19.66 13.78
N ARG A 43 6.08 19.52 12.45
CA ARG A 43 5.93 20.63 11.51
C ARG A 43 4.65 20.52 10.71
N TYR A 44 4.05 21.67 10.34
CA TYR A 44 2.81 21.70 9.54
C TYR A 44 3.03 22.54 8.28
N GLU A 45 3.04 21.86 7.13
CA GLU A 45 3.26 22.45 5.81
C GLU A 45 2.17 21.99 4.86
N GLY A 46 1.23 22.89 4.57
CA GLY A 46 0.09 22.66 3.68
C GLY A 46 -0.81 21.55 4.18
N ASP A 47 -0.91 20.48 3.36
CA ASP A 47 -1.68 19.27 3.64
C ASP A 47 -0.83 18.19 4.35
N GLN A 48 0.39 18.54 4.81
CA GLN A 48 1.29 17.59 5.47
C GLN A 48 1.63 17.95 6.92
N ILE A 49 1.90 16.90 7.71
CA ILE A 49 2.36 16.92 9.09
C ILE A 49 3.60 16.06 9.11
N THR A 50 4.74 16.63 9.55
CA THR A 50 5.99 15.87 9.59
C THR A 50 6.46 15.85 11.00
N ILE A 51 6.70 14.64 11.53
CA ILE A 51 7.20 14.43 12.88
C ILE A 51 8.67 13.95 12.78
N GLY A 52 9.61 14.68 13.41
CA GLY A 52 11.05 14.41 13.39
C GLY A 52 11.53 13.10 14.03
N GLN A 53 12.80 13.09 14.54
CA GLN A 53 13.49 11.92 15.15
C GLN A 53 12.88 11.49 16.53
N MSE A 54 12.76 10.15 16.77
CA MSE A 54 12.32 9.50 18.02
C MSE A 54 13.23 8.27 18.31
O MSE A 54 13.89 7.79 17.39
CB MSE A 54 10.82 9.08 17.95
CG MSE A 54 10.28 8.45 19.24
SE MSE A 54 9.82 9.66 20.76
CE MSE A 54 11.61 10.06 21.55
N ASN A 55 13.33 7.80 19.58
CA ASN A 55 14.16 6.63 19.93
C ASN A 55 13.54 5.86 21.09
N LYS A 62 14.40 3.77 17.06
CA LYS A 62 12.99 3.48 16.86
C LYS A 62 12.47 4.11 15.54
N LEU A 63 11.94 5.36 15.60
CA LEU A 63 11.41 6.19 14.50
C LEU A 63 12.41 7.28 14.07
N CYS A 64 12.75 7.36 12.79
CA CYS A 64 13.65 8.41 12.33
C CYS A 64 12.83 9.65 11.90
N ASN A 65 11.59 9.45 11.37
CA ASN A 65 10.62 10.47 10.92
C ASN A 65 9.38 9.83 10.31
N VAL A 66 8.29 10.61 10.21
CA VAL A 66 7.04 10.22 9.58
C VAL A 66 6.40 11.48 8.96
N THR A 67 5.90 11.36 7.74
CA THR A 67 5.18 12.44 7.09
C THR A 67 3.78 11.91 6.82
N PHE A 68 2.76 12.61 7.31
CA PHE A 68 1.35 12.27 7.11
C PHE A 68 0.73 13.14 6.05
N GLN A 69 -0.06 12.54 5.17
CA GLN A 69 -0.78 13.27 4.14
C GLN A 69 -2.20 13.42 4.62
N ILE A 70 -2.63 14.68 4.80
CA ILE A 70 -3.96 15.06 5.32
C ILE A 70 -4.86 15.41 4.15
N GLY A 71 -6.03 14.78 4.14
CA GLY A 71 -7.02 14.99 3.10
C GLY A 71 -8.41 14.98 3.72
N LYS A 72 -9.20 16.04 3.44
CA LYS A 72 -10.58 16.23 3.93
C LYS A 72 -10.64 16.02 5.45
N GLY A 73 -9.68 16.62 6.15
CA GLY A 73 -9.60 16.61 7.62
C GLY A 73 -9.10 15.37 8.31
N LYS A 74 -8.53 14.40 7.57
CA LYS A 74 -8.00 13.14 8.14
C LYS A 74 -6.73 12.68 7.46
N ALA A 75 -5.84 12.00 8.21
CA ALA A 75 -4.67 11.38 7.56
C ALA A 75 -5.18 10.30 6.58
N ARG A 76 -4.70 10.36 5.34
CA ARG A 76 -5.13 9.43 4.31
C ARG A 76 -4.06 8.37 4.03
N GLU A 77 -2.79 8.73 4.29
CA GLU A 77 -1.60 7.90 4.05
C GLU A 77 -0.39 8.51 4.73
N SER A 78 0.65 7.70 5.03
CA SER A 78 1.89 8.19 5.66
C SER A 78 3.12 7.40 5.19
N ARG A 79 4.32 8.02 5.29
CA ARG A 79 5.59 7.39 4.99
C ARG A 79 6.54 7.67 6.13
N ALA A 80 7.18 6.61 6.63
CA ALA A 80 8.09 6.71 7.76
C ALA A 80 9.39 5.99 7.51
N ARG A 81 10.45 6.50 8.12
CA ARG A 81 11.76 5.87 8.14
C ARG A 81 11.96 5.41 9.55
N CYS A 82 12.27 4.12 9.74
CA CYS A 82 12.41 3.55 11.06
C CYS A 82 13.39 2.40 11.07
N MSE A 83 13.71 1.94 12.28
CA MSE A 83 14.53 0.76 12.53
C MSE A 83 13.57 -0.37 12.77
O MSE A 83 12.60 -0.16 13.50
CB MSE A 83 15.47 0.99 13.71
CG MSE A 83 16.41 2.17 13.52
SE MSE A 83 17.57 2.04 11.93
CE MSE A 83 18.40 0.23 12.22
N LEU A 84 13.76 -1.50 12.13
CA LEU A 84 12.82 -2.60 12.32
C LEU A 84 13.56 -3.84 12.74
N LYS A 85 13.18 -4.41 13.90
CA LYS A 85 13.75 -5.66 14.38
C LYS A 85 12.99 -6.78 13.70
N VAL A 86 13.65 -7.49 12.75
CA VAL A 86 12.97 -8.57 12.04
C VAL A 86 13.34 -9.87 12.80
N GLY A 87 14.33 -10.62 12.36
CA GLY A 87 14.72 -11.84 13.05
C GLY A 87 15.52 -11.54 14.31
N GLU A 88 16.83 -11.73 14.21
CA GLU A 88 17.77 -11.44 15.30
C GLU A 88 18.28 -10.01 15.13
N GLU A 89 18.56 -9.61 13.86
CA GLU A 89 19.08 -8.31 13.46
C GLU A 89 17.95 -7.26 13.28
N VAL A 90 18.36 -5.98 13.20
CA VAL A 90 17.51 -4.80 13.01
C VAL A 90 17.90 -4.15 11.64
N TYR A 91 16.89 -3.72 10.85
CA TYR A 91 17.09 -3.11 9.53
C TYR A 91 16.55 -1.69 9.43
N GLU A 92 17.26 -0.82 8.67
CA GLU A 92 16.79 0.53 8.37
C GLU A 92 15.74 0.38 7.31
N ALA A 93 14.48 0.50 7.71
CA ALA A 93 13.34 0.24 6.87
C ALA A 93 12.58 1.49 6.47
N ASP A 94 11.81 1.38 5.37
CA ASP A 94 10.88 2.36 4.87
C ASP A 94 9.48 1.80 5.03
N LYS A 95 8.62 2.55 5.75
CA LYS A 95 7.25 2.16 6.04
C LYS A 95 6.27 3.01 5.22
N GLN A 96 5.40 2.32 4.48
CA GLN A 96 4.35 2.93 3.68
C GLN A 96 2.98 2.53 4.25
N THR A 97 2.22 3.51 4.68
CA THR A 97 0.94 3.23 5.31
C THR A 97 -0.20 4.01 4.64
N VAL A 98 -1.40 3.39 4.64
CA VAL A 98 -2.64 3.97 4.17
C VAL A 98 -3.71 3.79 5.26
N TYR A 99 -4.50 4.84 5.47
CA TYR A 99 -5.59 4.92 6.46
C TYR A 99 -6.95 4.95 5.71
N ASP A 100 -7.84 3.97 5.97
CA ASP A 100 -9.16 3.89 5.35
C ASP A 100 -10.24 3.83 6.41
N TYR A 101 -11.34 4.57 6.14
CA TYR A 101 -12.46 4.79 7.05
C TYR A 101 -13.74 4.33 6.42
N LYS A 102 -14.51 3.48 7.12
CA LYS A 102 -15.81 2.90 6.69
C LYS A 102 -16.73 2.97 7.90
N GLY A 103 -17.50 4.03 7.95
CA GLY A 103 -18.33 4.35 9.10
C GLY A 103 -17.39 4.90 10.14
N ASP A 104 -17.38 4.27 11.32
CA ASP A 104 -16.43 4.70 12.34
C ASP A 104 -15.11 3.90 12.20
N THR A 105 -15.21 2.56 11.80
CA THR A 105 -14.13 1.57 11.59
C THR A 105 -12.96 2.13 10.78
N ILE A 106 -11.71 1.86 11.27
CA ILE A 106 -10.45 2.32 10.68
C ILE A 106 -9.61 1.14 10.29
N PHE A 107 -9.19 1.14 9.02
CA PHE A 107 -8.28 0.15 8.44
C PHE A 107 -6.94 0.78 8.31
N ILE A 108 -5.90 0.17 8.92
CA ILE A 108 -4.52 0.65 8.80
C ILE A 108 -3.73 -0.46 8.13
N ASN A 109 -3.13 -0.17 6.99
CA ASN A 109 -2.32 -1.16 6.27
C ASN A 109 -0.95 -0.60 6.01
N SER A 110 0.10 -1.29 6.54
CA SER A 110 1.50 -0.88 6.43
C SER A 110 2.37 -1.90 5.73
N ASP A 111 3.30 -1.41 4.92
CA ASP A 111 4.29 -2.23 4.25
C ASP A 111 5.65 -1.71 4.59
N TYR A 112 6.48 -2.63 5.09
CA TYR A 112 7.86 -2.39 5.48
C TYR A 112 8.82 -2.97 4.48
N ARG A 113 9.68 -2.12 3.90
CA ARG A 113 10.74 -2.49 2.97
C ARG A 113 12.10 -1.93 3.46
N ALA A 114 13.20 -2.64 3.15
CA ALA A 114 14.52 -2.17 3.51
C ALA A 114 14.87 -0.96 2.65
N THR A 115 15.45 0.10 3.24
CA THR A 115 15.85 1.33 2.52
C THR A 115 16.91 1.00 1.44
N SER A 116 17.86 0.11 1.81
CA SER A 116 18.99 -0.30 0.99
C SER A 116 18.57 -0.89 -0.36
N ASP A 117 17.95 -2.10 -0.38
CA ASP A 117 17.64 -2.84 -1.61
C ASP A 117 16.12 -3.05 -1.86
N TYR A 118 15.22 -2.31 -1.16
CA TYR A 118 13.75 -2.37 -1.31
C TYR A 118 13.16 -3.75 -0.93
N ARG A 119 13.99 -4.63 -0.34
CA ARG A 119 13.60 -5.98 0.09
C ARG A 119 12.44 -5.88 1.04
N PHE A 120 11.37 -6.65 0.76
CA PHE A 120 10.16 -6.69 1.60
C PHE A 120 10.50 -7.33 2.95
N LEU A 121 10.08 -6.69 4.03
CA LEU A 121 10.40 -7.18 5.37
C LEU A 121 9.17 -7.60 6.18
N LYS A 122 8.07 -6.81 6.10
CA LYS A 122 6.89 -7.01 6.94
C LYS A 122 5.64 -6.29 6.42
N LYS A 123 4.47 -6.93 6.63
CA LYS A 123 3.15 -6.37 6.34
C LYS A 123 2.33 -6.41 7.62
N VAL A 124 1.73 -5.28 8.00
CA VAL A 124 0.87 -5.19 9.19
C VAL A 124 -0.49 -4.64 8.75
N GLN A 125 -1.58 -5.34 9.13
CA GLN A 125 -2.95 -4.97 8.76
C GLN A 125 -3.79 -4.86 10.02
N GLY A 126 -4.26 -3.67 10.32
CA GLY A 126 -5.02 -3.44 11.54
C GLY A 126 -6.41 -2.93 11.26
N LYS A 127 -7.39 -3.45 12.02
CA LYS A 127 -8.80 -3.08 11.98
C LYS A 127 -9.21 -2.54 13.32
N TYR A 128 -9.67 -1.28 13.40
CA TYR A 128 -10.11 -0.64 14.65
C TYR A 128 -11.61 -0.50 14.57
N VAL A 129 -12.34 -1.20 15.45
CA VAL A 129 -13.81 -1.24 15.49
C VAL A 129 -14.30 -0.50 16.75
N PHE A 130 -15.25 0.43 16.57
CA PHE A 130 -15.79 1.31 17.61
C PHE A 130 -17.25 1.05 17.86
N ASP A 131 -17.73 1.28 19.07
CA ASP A 131 -19.14 1.10 19.39
C ASP A 131 -19.97 2.38 19.03
N GLN A 132 -21.27 2.38 19.39
CA GLN A 132 -22.19 3.50 19.14
C GLN A 132 -21.66 4.81 19.76
N LEU A 133 -21.06 4.77 20.96
CA LEU A 133 -20.56 5.93 21.67
C LEU A 133 -19.17 6.41 21.18
N GLY A 134 -18.64 5.76 20.15
CA GLY A 134 -17.35 6.13 19.58
C GLY A 134 -16.14 5.55 20.29
N ARG A 135 -16.38 4.69 21.29
CA ARG A 135 -15.34 4.03 22.07
C ARG A 135 -14.71 2.90 21.28
N LEU A 136 -13.35 2.77 21.33
CA LEU A 136 -12.65 1.69 20.64
C LEU A 136 -12.91 0.36 21.38
N LYS A 137 -13.63 -0.57 20.74
CA LYS A 137 -14.04 -1.81 21.40
C LYS A 137 -13.12 -2.97 21.08
N GLU A 138 -12.64 -3.04 19.83
CA GLU A 138 -11.77 -4.14 19.37
C GLU A 138 -10.77 -3.70 18.36
N VAL A 139 -9.62 -4.35 18.38
CA VAL A 139 -8.53 -4.12 17.43
C VAL A 139 -8.07 -5.49 16.93
N MSE A 140 -8.07 -5.66 15.63
CA MSE A 140 -7.61 -6.90 14.98
C MSE A 140 -6.40 -6.58 14.14
O MSE A 140 -6.44 -5.65 13.33
CB MSE A 140 -8.71 -7.54 14.14
CG MSE A 140 -9.80 -8.12 14.98
SE MSE A 140 -11.53 -7.32 14.61
CE MSE A 140 -11.27 -5.51 15.18
N THR A 141 -5.29 -7.30 14.39
CA THR A 141 -4.03 -7.09 13.69
C THR A 141 -3.51 -8.38 13.14
N VAL A 142 -3.08 -8.34 11.88
CA VAL A 142 -2.48 -9.46 11.17
C VAL A 142 -1.09 -9.03 10.75
N PHE A 143 -0.09 -9.83 11.14
CA PHE A 143 1.33 -9.61 10.82
C PHE A 143 1.81 -10.65 9.84
N THR A 144 2.23 -10.20 8.65
CA THR A 144 2.79 -11.11 7.65
C THR A 144 4.30 -10.82 7.57
N GLU A 145 5.10 -11.86 7.81
CA GLU A 145 6.56 -11.77 7.79
C GLU A 145 7.06 -12.06 6.37
N ALA A 146 8.33 -11.69 6.08
CA ALA A 146 8.98 -11.85 4.77
C ALA A 146 8.84 -13.29 4.21
N ASN A 147 8.93 -14.32 5.10
CA ASN A 147 8.81 -15.75 4.73
C ASN A 147 7.33 -16.21 4.53
N ASP A 148 6.36 -15.24 4.61
CA ASP A 148 4.91 -15.40 4.44
CA ASP A 148 4.90 -15.38 4.44
C ASP A 148 4.25 -16.03 5.71
N SER A 149 5.03 -16.20 6.82
CA SER A 149 4.49 -16.71 8.08
C SER A 149 3.58 -15.63 8.69
N VAL A 150 2.43 -16.05 9.23
CA VAL A 150 1.40 -15.13 9.71
C VAL A 150 1.11 -15.34 11.18
N SER A 151 1.04 -14.23 11.90
CA SER A 151 0.62 -14.16 13.29
C SER A 151 -0.49 -13.13 13.39
N SER A 152 -1.35 -13.25 14.40
CA SER A 152 -2.44 -12.30 14.58
C SER A 152 -2.76 -12.07 16.05
N CYS A 153 -3.53 -10.99 16.29
CA CYS A 153 -3.97 -10.62 17.60
C CYS A 153 -5.34 -10.00 17.55
N HIS A 154 -6.18 -10.36 18.49
CA HIS A 154 -7.47 -9.73 18.68
C HIS A 154 -7.46 -9.11 20.05
N THR A 155 -7.64 -7.77 20.13
CA THR A 155 -7.63 -7.02 21.40
C THR A 155 -9.07 -6.51 21.73
N TYR A 156 -9.54 -6.74 22.97
CA TYR A 156 -10.88 -6.31 23.38
C TYR A 156 -10.76 -5.28 24.51
N TYR A 157 -11.57 -4.20 24.47
CA TYR A 157 -11.51 -3.13 25.49
C TYR A 157 -12.80 -3.00 26.24
N ASN A 158 -12.69 -2.88 27.57
CA ASN A 158 -13.84 -2.73 28.45
C ASN A 158 -13.86 -1.31 29.07
N TYR A 159 -15.06 -0.67 29.12
CA TYR A 159 -15.33 0.68 29.62
C TYR A 159 -16.44 0.70 30.70
N ASP A 160 -16.66 -0.43 31.41
CA ASP A 160 -17.74 -0.54 32.39
C ASP A 160 -17.56 0.40 33.57
N ASN A 161 -16.32 0.75 33.92
CA ASN A 161 -16.02 1.65 35.04
C ASN A 161 -16.32 3.11 34.65
N ASN A 162 -16.54 3.39 33.34
CA ASN A 162 -16.86 4.69 32.74
C ASN A 162 -15.89 5.78 33.20
N ILE A 163 -14.61 5.56 32.88
CA ILE A 163 -13.50 6.47 33.14
C ILE A 163 -13.46 7.45 31.97
N ASN A 164 -13.62 8.72 32.29
CA ASN A 164 -13.63 9.80 31.31
C ASN A 164 -12.66 10.87 31.73
N TYR A 165 -12.06 11.50 30.73
CA TYR A 165 -11.09 12.53 30.96
C TYR A 165 -11.33 13.67 29.99
N GLN A 166 -10.65 14.78 30.25
CA GLN A 166 -10.64 15.95 29.39
C GLN A 166 -9.21 16.43 29.28
N ALA A 167 -8.62 16.31 28.08
CA ALA A 167 -7.25 16.73 27.77
C ALA A 167 -7.15 17.09 26.30
N ASN A 168 -6.11 17.82 25.93
CA ASN A 168 -5.87 18.24 24.55
C ASN A 168 -5.43 17.06 23.67
N LEU A 169 -4.69 16.08 24.25
CA LEU A 169 -4.21 14.89 23.56
C LEU A 169 -5.17 13.75 23.71
N ASN A 170 -5.08 12.76 22.79
CA ASN A 170 -5.88 11.55 22.87
C ASN A 170 -5.07 10.56 23.67
N LEU A 171 -5.28 10.58 24.99
CA LEU A 171 -4.51 9.80 25.97
C LEU A 171 -4.70 8.27 25.83
N GLN A 172 -5.69 7.78 25.01
CA GLN A 172 -5.90 6.35 24.70
C GLN A 172 -4.69 5.79 24.01
N ALA A 173 -3.92 6.67 23.31
CA ALA A 173 -2.70 6.30 22.60
C ALA A 173 -1.67 5.67 23.54
N TYR A 174 -1.76 5.97 24.85
CA TYR A 174 -0.82 5.44 25.82
C TYR A 174 -1.22 4.02 26.25
N VAL A 175 -2.44 3.51 25.88
CA VAL A 175 -2.88 2.17 26.26
C VAL A 175 -3.38 1.28 25.08
N ILE A 176 -3.80 1.87 23.95
CA ILE A 176 -4.34 1.04 22.86
C ILE A 176 -3.22 0.41 22.01
N ASP A 177 -3.64 -0.58 21.18
CA ASP A 177 -2.87 -1.46 20.30
C ASP A 177 -2.60 -0.81 18.98
N TYR A 178 -1.34 -0.55 18.65
CA TYR A 178 -0.94 0.06 17.36
C TYR A 178 0.44 -0.50 16.92
N ASP A 179 0.78 -0.31 15.64
CA ASP A 179 2.06 -0.79 15.14
C ASP A 179 2.98 0.43 14.84
N GLY A 180 3.99 0.62 15.68
CA GLY A 180 4.96 1.70 15.49
C GLY A 180 4.64 3.04 16.10
N VAL A 181 5.71 3.85 16.32
CA VAL A 181 5.67 5.18 16.95
C VAL A 181 4.86 6.16 16.04
N ASP A 182 4.82 5.90 14.72
CA ASP A 182 4.03 6.72 13.81
C ASP A 182 2.54 6.53 14.12
N SER A 183 2.11 5.29 14.44
CA SER A 183 0.72 5.02 14.80
C SER A 183 0.41 5.65 16.17
N PHE A 184 1.41 5.66 17.09
CA PHE A 184 1.25 6.31 18.39
C PHE A 184 0.82 7.77 18.18
N PHE A 185 1.62 8.53 17.38
CA PHE A 185 1.34 9.92 17.07
C PHE A 185 0.03 10.09 16.28
N TYR A 186 -0.26 9.16 15.36
CA TYR A 186 -1.51 9.17 14.60
C TYR A 186 -2.72 9.21 15.54
N PHE A 187 -2.73 8.38 16.61
CA PHE A 187 -3.82 8.33 17.59
C PHE A 187 -3.72 9.49 18.57
N LEU A 188 -2.51 9.76 19.14
CA LEU A 188 -2.28 10.83 20.14
C LEU A 188 -2.71 12.21 19.63
N LEU A 189 -2.47 12.52 18.33
CA LEU A 189 -2.78 13.82 17.73
C LEU A 189 -4.14 13.80 17.03
N ASN A 190 -4.90 12.67 17.16
CA ASN A 190 -6.24 12.44 16.60
C ASN A 190 -6.29 12.75 15.07
N LEU A 191 -5.32 12.20 14.32
CA LEU A 191 -5.25 12.45 12.87
C LEU A 191 -6.37 11.67 12.14
N GLY A 192 -6.99 10.71 12.84
CA GLY A 192 -8.11 9.95 12.30
C GLY A 192 -9.44 10.68 12.52
N GLN A 193 -9.39 11.81 13.27
CA GLN A 193 -10.53 12.69 13.61
C GLN A 193 -11.66 11.83 14.24
N LEU A 194 -11.28 11.06 15.28
CA LEU A 194 -12.12 10.17 16.06
C LEU A 194 -13.24 10.90 16.79
N ARG A 195 -14.46 10.33 16.71
CA ARG A 195 -15.71 10.79 17.29
C ARG A 195 -15.61 10.91 18.85
N ASN A 196 -14.90 9.98 19.54
CA ASN A 196 -14.78 9.99 21.02
C ASN A 196 -13.32 9.99 21.46
N ARG A 197 -12.87 11.13 21.93
CA ARG A 197 -11.52 11.40 22.41
C ARG A 197 -11.57 11.65 23.97
N THR A 198 -12.53 11.02 24.65
CA THR A 198 -12.89 11.20 26.05
C THR A 198 -12.81 9.93 26.91
N ALA A 199 -13.15 8.75 26.38
CA ALA A 199 -13.19 7.51 27.17
C ALA A 199 -11.82 6.86 27.34
N LEU A 200 -11.60 6.16 28.47
CA LEU A 200 -10.39 5.38 28.75
C LEU A 200 -10.76 3.94 29.15
N PRO A 201 -10.13 2.89 28.55
CA PRO A 201 -10.52 1.53 28.95
C PRO A 201 -10.01 1.18 30.35
N ASN A 202 -10.84 0.51 31.15
CA ASN A 202 -10.43 0.09 32.50
C ASN A 202 -9.72 -1.28 32.44
N ASP A 203 -10.06 -2.11 31.46
CA ASP A 203 -9.47 -3.45 31.28
C ASP A 203 -9.26 -3.78 29.80
N ILE A 204 -8.19 -4.55 29.51
CA ILE A 204 -7.79 -4.96 28.16
C ILE A 204 -7.50 -6.47 28.16
N GLY A 205 -7.94 -7.16 27.10
CA GLY A 205 -7.73 -8.59 26.86
C GLY A 205 -7.13 -8.83 25.48
N TYR A 206 -6.15 -9.75 25.40
CA TYR A 206 -5.44 -10.14 24.20
C TYR A 206 -5.61 -11.60 23.86
N CYS A 207 -6.02 -11.91 22.64
CA CYS A 207 -6.12 -13.29 22.22
C CYS A 207 -5.23 -13.48 21.00
N MSE A 208 -4.06 -14.07 21.19
CA MSE A 208 -3.10 -14.28 20.12
C MSE A 208 -3.29 -15.56 19.38
O MSE A 208 -3.51 -16.63 19.99
CB MSE A 208 -1.66 -14.28 20.63
CG MSE A 208 -1.00 -12.93 20.55
SE MSE A 208 -1.29 -11.99 22.21
CE MSE A 208 -0.18 -13.01 23.51
N ASN A 209 -3.14 -15.47 18.05
CA ASN A 209 -3.16 -16.57 17.11
C ASN A 209 -4.30 -17.56 17.41
N HIS A 210 -5.50 -16.99 17.52
CA HIS A 210 -6.78 -17.64 17.74
C HIS A 210 -6.77 -18.54 18.97
N GLY A 211 -6.15 -18.06 20.05
CA GLY A 211 -6.15 -18.78 21.31
C GLY A 211 -4.89 -19.49 21.73
N LEU A 212 -3.81 -19.46 20.90
CA LEU A 212 -2.54 -20.15 21.25
C LEU A 212 -1.93 -19.51 22.47
N SER A 213 -2.19 -18.22 22.68
CA SER A 213 -1.84 -17.53 23.91
C SER A 213 -2.86 -16.41 24.15
N THR A 214 -3.09 -16.04 25.42
CA THR A 214 -4.02 -14.98 25.83
C THR A 214 -3.39 -14.18 26.93
N TYR A 215 -3.80 -12.93 27.12
CA TYR A 215 -3.24 -12.04 28.16
C TYR A 215 -4.28 -11.04 28.56
N ASN A 216 -4.49 -10.84 29.87
CA ASN A 216 -5.47 -9.87 30.40
C ASN A 216 -4.80 -8.93 31.38
N VAL A 217 -4.97 -7.63 31.14
CA VAL A 217 -4.39 -6.58 31.99
C VAL A 217 -5.49 -5.62 32.46
N HIS A 218 -5.16 -4.82 33.46
CA HIS A 218 -5.98 -3.79 34.01
C HIS A 218 -5.27 -2.44 33.86
N ALA A 219 -6.02 -1.40 33.43
CA ALA A 219 -5.49 -0.05 33.32
C ALA A 219 -5.90 0.74 34.53
N ASN A 220 -4.97 1.41 35.14
CA ASN A 220 -5.24 2.18 36.35
C ASN A 220 -4.87 3.68 36.14
N TYR A 221 -5.84 4.57 36.41
CA TYR A 221 -5.65 5.99 36.19
C TYR A 221 -5.85 6.79 37.45
N ARG A 222 -4.89 7.66 37.81
CA ARG A 222 -5.15 8.60 38.90
C ARG A 222 -5.37 9.95 38.27
N LEU A 223 -6.51 10.56 38.63
CA LEU A 223 -7.04 11.80 38.06
C LEU A 223 -6.92 12.97 39.01
N ASP A 224 -6.36 14.06 38.51
CA ASP A 224 -6.21 15.33 39.24
C ASP A 224 -7.17 16.30 38.59
N ASP A 225 -8.29 16.55 39.29
CA ASP A 225 -9.45 17.34 38.90
C ASP A 225 -9.76 17.11 37.40
N GLU A 226 -10.19 15.85 37.07
CA GLU A 226 -10.65 15.33 35.76
C GLU A 226 -9.49 15.00 34.77
N ASN A 227 -8.26 15.41 35.06
CA ASN A 227 -7.14 15.17 34.16
C ASN A 227 -6.31 13.96 34.58
N PRO A 228 -6.04 12.98 33.69
CA PRO A 228 -5.21 11.85 34.11
C PRO A 228 -3.75 12.27 34.31
N VAL A 229 -3.26 12.17 35.55
CA VAL A 229 -1.89 12.58 35.87
C VAL A 229 -1.00 11.33 35.99
N ARG A 230 -1.59 10.13 35.95
CA ARG A 230 -0.85 8.87 35.91
C ARG A 230 -1.66 7.78 35.21
N ILE A 231 -1.03 7.13 34.22
CA ILE A 231 -1.59 6.00 33.46
C ILE A 231 -0.73 4.77 33.76
N GLU A 232 -1.36 3.69 34.27
CA GLU A 232 -0.66 2.44 34.59
C GLU A 232 -1.33 1.25 33.97
N VAL A 233 -0.55 0.26 33.58
CA VAL A 233 -1.09 -0.98 33.03
C VAL A 233 -0.48 -2.13 33.85
N LEU A 234 -1.33 -2.86 34.56
CA LEU A 234 -0.89 -3.93 35.46
C LEU A 234 -1.40 -5.33 35.07
N TYR A 235 -0.55 -6.33 35.38
CA TYR A 235 -0.86 -7.73 35.24
C TYR A 235 -0.91 -8.37 36.63
N ASN A 236 -1.95 -9.19 36.88
CA ASN A 236 -2.21 -9.92 38.11
C ASN A 236 -2.14 -9.00 39.32
N TYR A 237 -2.74 -7.80 39.17
CA TYR A 237 -2.86 -6.74 40.17
C TYR A 237 -1.53 -6.08 40.58
N THR A 238 -0.39 -6.78 40.53
CA THR A 238 0.85 -6.20 41.04
C THR A 238 1.96 -6.03 40.01
N LYS A 239 2.00 -6.84 38.92
CA LYS A 239 3.09 -6.69 37.95
C LYS A 239 2.83 -5.46 37.08
N LEU A 240 3.63 -4.38 37.32
CA LEU A 240 3.50 -3.14 36.58
C LEU A 240 4.16 -3.31 35.24
N LEU A 241 3.40 -3.09 34.15
CA LEU A 241 3.91 -3.27 32.81
C LEU A 241 4.29 -1.95 32.20
N SER A 242 3.57 -0.85 32.52
CA SER A 242 3.89 0.50 32.05
C SER A 242 3.33 1.55 33.00
N ARG A 243 4.04 2.66 33.13
CA ARG A 243 3.63 3.81 33.93
C ARG A 243 4.01 5.09 33.19
N ILE A 244 3.00 5.90 32.86
CA ILE A 244 3.19 7.20 32.23
C ILE A 244 2.67 8.26 33.18
N ASP A 245 3.51 9.22 33.52
CA ASP A 245 3.12 10.33 34.40
C ASP A 245 2.93 11.58 33.52
N LEU A 246 1.85 12.33 33.74
CA LEU A 246 1.54 13.50 32.91
C LEU A 246 1.33 14.76 33.75
N SER A 247 1.78 15.91 33.22
CA SER A 247 1.63 17.21 33.86
C SER A 247 0.87 18.15 32.95
N TYR A 248 0.07 19.03 33.56
CA TYR A 248 -0.75 20.01 32.85
C TYR A 248 -0.37 21.44 33.27
N ASN A 249 0.74 21.58 34.05
CA ASN A 249 1.24 22.86 34.56
C ASN A 249 2.04 23.62 33.50
N PRO A 250 1.80 24.94 33.31
CA PRO A 250 2.64 25.71 32.36
C PRO A 250 4.03 25.97 32.96
N LEU A 251 4.99 25.07 32.60
CA LEU A 251 6.42 24.98 32.95
C LEU A 251 6.97 23.58 32.57
N THR B 8 15.83 -2.92 -33.68
CA THR B 8 14.99 -2.02 -34.46
C THR B 8 13.84 -1.50 -33.58
N TYR B 9 13.51 -0.20 -33.75
CA TYR B 9 12.47 0.48 -32.98
C TYR B 9 11.07 0.39 -33.66
N VAL B 10 10.00 0.16 -32.85
CA VAL B 10 8.60 0.12 -33.30
C VAL B 10 8.18 1.56 -33.51
N THR B 11 7.76 1.89 -34.73
CA THR B 11 7.38 3.26 -35.09
C THR B 11 5.87 3.45 -35.25
N LYS B 12 5.12 2.35 -35.45
CA LYS B 12 3.68 2.43 -35.67
C LYS B 12 3.05 1.15 -35.18
N VAL B 13 1.99 1.29 -34.37
CA VAL B 13 1.18 0.20 -33.79
C VAL B 13 -0.26 0.42 -34.31
N THR B 14 -0.94 -0.66 -34.70
CA THR B 14 -2.27 -0.57 -35.27
C THR B 14 -3.17 -1.61 -34.62
N ASP B 15 -4.05 -1.15 -33.71
CA ASP B 15 -5.00 -2.01 -33.02
C ASP B 15 -6.27 -2.14 -33.85
N LEU B 16 -6.71 -3.38 -34.08
CA LEU B 16 -7.90 -3.64 -34.88
C LEU B 16 -8.99 -4.14 -33.92
N THR B 17 -9.78 -3.14 -33.42
CA THR B 17 -10.87 -3.24 -32.47
C THR B 17 -12.21 -3.10 -33.17
N GLU B 21 -10.36 0.49 -37.53
CA GLU B 21 -8.95 0.48 -37.13
C GLU B 21 -8.65 1.59 -36.08
N GLN B 22 -7.38 1.68 -35.64
CA GLN B 22 -6.82 2.65 -34.68
C GLN B 22 -5.31 2.63 -34.88
N VAL B 23 -4.79 3.55 -35.68
CA VAL B 23 -3.38 3.58 -36.01
C VAL B 23 -2.68 4.64 -35.12
N LEU B 24 -1.73 4.16 -34.30
CA LEU B 24 -0.95 4.96 -33.35
C LEU B 24 0.50 5.07 -33.78
N LYS B 25 1.00 6.31 -33.91
CA LYS B 25 2.39 6.59 -34.29
C LYS B 25 3.20 6.70 -33.00
N LEU B 26 4.37 6.05 -32.96
CA LEU B 26 5.25 6.06 -31.78
C LEU B 26 6.46 6.95 -32.01
N GLU B 27 6.76 7.85 -31.05
CA GLU B 27 7.90 8.76 -31.18
C GLU B 27 8.93 8.54 -30.06
N TYR B 28 10.23 8.78 -30.39
CA TYR B 28 11.37 8.57 -29.51
C TYR B 28 12.32 9.76 -29.49
N ASP B 29 13.06 9.93 -28.37
CA ASP B 29 14.05 11.00 -28.24
C ASP B 29 15.41 10.51 -28.73
N ARG B 30 16.43 11.39 -28.69
CA ARG B 30 17.81 11.14 -29.15
C ARG B 30 18.49 9.93 -28.46
N ASP B 31 17.93 9.43 -27.34
CA ASP B 31 18.50 8.29 -26.61
C ASP B 31 17.73 6.98 -26.85
N GLY B 32 16.60 7.04 -27.54
CA GLY B 32 15.77 5.87 -27.83
C GLY B 32 14.61 5.72 -26.87
N LYS B 33 14.45 6.67 -25.94
CA LYS B 33 13.36 6.66 -24.96
C LYS B 33 12.06 7.05 -25.65
N ILE B 34 10.95 6.33 -25.36
CA ILE B 34 9.64 6.63 -25.97
C ILE B 34 9.14 7.94 -25.40
N ILE B 35 8.73 8.87 -26.26
CA ILE B 35 8.28 10.16 -25.77
C ILE B 35 6.82 10.39 -26.22
N LYS B 36 6.28 9.44 -27.02
CA LYS B 36 4.89 9.48 -27.49
C LYS B 36 4.42 8.10 -27.98
N TYR B 37 3.25 7.62 -27.51
CA TYR B 37 2.57 6.38 -27.91
C TYR B 37 1.19 6.79 -28.43
N GLY B 38 1.12 7.10 -29.73
CA GLY B 38 -0.07 7.67 -30.32
C GLY B 38 -0.11 9.13 -29.90
N ASP B 39 -1.22 9.57 -29.25
CA ASP B 39 -1.37 10.93 -28.74
C ASP B 39 -1.07 10.96 -27.25
N THR B 40 -0.55 9.84 -26.73
CA THR B 40 -0.22 9.72 -25.30
C THR B 40 1.26 10.06 -25.12
N PRO B 41 1.60 11.16 -24.41
CA PRO B 41 3.02 11.49 -24.20
C PRO B 41 3.63 10.78 -22.97
N VAL B 42 4.97 10.60 -22.99
CA VAL B 42 5.76 9.98 -21.93
C VAL B 42 6.88 10.95 -21.54
N ARG B 43 6.83 11.51 -20.32
CA ARG B 43 7.85 12.48 -19.86
C ARG B 43 8.79 11.85 -18.83
N TYR B 44 10.05 12.32 -18.79
CA TYR B 44 11.07 11.80 -17.86
C TYR B 44 11.66 12.94 -17.07
N GLU B 45 11.35 13.00 -15.77
CA GLU B 45 11.82 14.02 -14.85
C GLU B 45 12.40 13.35 -13.60
N GLY B 46 13.74 13.32 -13.53
CA GLY B 46 14.51 12.74 -12.43
C GLY B 46 14.26 11.26 -12.29
N ASP B 47 13.72 10.87 -11.13
CA ASP B 47 13.36 9.49 -10.77
C ASP B 47 11.89 9.15 -11.17
N GLN B 48 11.23 10.03 -11.94
CA GLN B 48 9.84 9.81 -12.35
C GLN B 48 9.65 9.71 -13.87
N ILE B 49 8.62 8.93 -14.25
CA ILE B 49 8.12 8.72 -15.61
C ILE B 49 6.65 9.02 -15.53
N THR B 50 6.17 9.98 -16.33
CA THR B 50 4.77 10.36 -16.33
C THR B 50 4.23 10.12 -17.70
N ILE B 51 3.14 9.37 -17.80
CA ILE B 51 2.47 9.08 -19.05
C ILE B 51 1.10 9.78 -19.00
N GLY B 52 0.81 10.60 -20.03
CA GLY B 52 -0.45 11.36 -20.17
C GLY B 52 -1.73 10.55 -20.30
N GLN B 53 -2.80 11.15 -20.91
CA GLN B 53 -4.12 10.52 -21.05
C GLN B 53 -4.17 9.46 -22.19
N MSE B 54 -5.04 8.44 -22.00
CA MSE B 54 -5.31 7.33 -22.92
C MSE B 54 -6.83 7.02 -22.98
O MSE B 54 -7.62 7.58 -22.23
CB MSE B 54 -4.53 6.10 -22.48
CG MSE B 54 -4.74 4.84 -23.33
SE MSE B 54 -3.73 4.70 -25.00
CE MSE B 54 -4.82 5.82 -26.27
N ASN B 61 -14.37 3.17 -19.65
CA ASN B 61 -13.24 3.09 -18.73
C ASN B 61 -11.92 3.49 -19.47
N LYS B 62 -11.31 4.63 -19.06
CA LYS B 62 -10.09 5.21 -19.63
C LYS B 62 -9.03 5.61 -18.52
N LEU B 63 -7.81 6.03 -18.96
CA LEU B 63 -6.71 6.52 -18.11
C LEU B 63 -6.53 8.04 -18.29
N CYS B 64 -6.39 8.78 -17.19
CA CYS B 64 -6.13 10.23 -17.25
C CYS B 64 -4.62 10.49 -17.24
N ASN B 65 -3.88 9.66 -16.49
CA ASN B 65 -2.43 9.75 -16.33
C ASN B 65 -1.93 8.71 -15.33
N VAL B 66 -0.61 8.46 -15.36
CA VAL B 66 0.10 7.59 -14.41
C VAL B 66 1.51 8.17 -14.19
N THR B 67 1.95 8.23 -12.94
CA THR B 67 3.30 8.65 -12.62
C THR B 67 3.96 7.47 -11.93
N PHE B 68 5.10 7.01 -12.47
CA PHE B 68 5.88 5.91 -11.90
C PHE B 68 7.07 6.44 -11.15
N GLN B 69 7.33 5.86 -9.97
CA GLN B 69 8.48 6.22 -9.17
C GLN B 69 9.53 5.15 -9.38
N ILE B 70 10.70 5.54 -9.93
CA ILE B 70 11.78 4.63 -10.26
C ILE B 70 12.88 4.71 -9.23
N GLY B 71 13.21 3.57 -8.64
CA GLY B 71 14.27 3.43 -7.66
C GLY B 71 15.19 2.26 -7.98
N LYS B 72 16.51 2.51 -7.99
CA LYS B 72 17.55 1.52 -8.27
C LYS B 72 17.20 0.69 -9.54
N GLY B 73 16.86 1.38 -10.64
CA GLY B 73 16.54 0.81 -11.96
C GLY B 73 15.15 0.29 -12.26
N LYS B 74 14.28 0.13 -11.24
CA LYS B 74 12.93 -0.45 -11.40
C LYS B 74 11.83 0.45 -10.88
N ALA B 75 10.59 0.25 -11.33
CA ALA B 75 9.43 0.94 -10.79
C ALA B 75 9.12 0.33 -9.46
N ARG B 76 9.04 1.15 -8.41
CA ARG B 76 8.79 0.64 -7.07
C ARG B 76 7.35 0.91 -6.67
N GLU B 77 6.75 1.95 -7.27
CA GLU B 77 5.35 2.33 -6.98
C GLU B 77 4.81 3.28 -8.05
N SER B 78 3.48 3.38 -8.20
CA SER B 78 2.85 4.29 -9.17
C SER B 78 1.51 4.83 -8.67
N ARG B 79 1.09 5.99 -9.21
CA ARG B 79 -0.22 6.60 -8.93
C ARG B 79 -0.84 7.01 -10.23
N ALA B 80 -2.10 6.61 -10.42
CA ALA B 80 -2.83 6.85 -11.65
C ALA B 80 -4.21 7.39 -11.38
N ARG B 81 -4.67 8.25 -12.28
CA ARG B 81 -6.02 8.77 -12.27
C ARG B 81 -6.72 8.10 -13.41
N CYS B 82 -7.87 7.47 -13.14
CA CYS B 82 -8.59 6.74 -14.18
C CYS B 82 -10.08 6.73 -13.90
N MSE B 83 -10.83 6.26 -14.89
CA MSE B 83 -12.26 6.01 -14.81
C MSE B 83 -12.42 4.56 -14.47
O MSE B 83 -11.75 3.73 -15.10
CB MSE B 83 -12.97 6.39 -16.11
CG MSE B 83 -12.77 7.84 -16.51
SE MSE B 83 -13.35 9.12 -15.19
CE MSE B 83 -15.24 8.53 -14.95
N LEU B 84 -13.22 4.22 -13.47
CA LEU B 84 -13.38 2.82 -13.10
C LEU B 84 -14.83 2.42 -13.16
N LYS B 85 -15.15 1.39 -13.95
CA LYS B 85 -16.50 0.84 -14.02
C LYS B 85 -16.67 -0.11 -12.85
N VAL B 86 -17.48 0.27 -11.84
CA VAL B 86 -17.66 -0.61 -10.68
C VAL B 86 -18.95 -1.42 -10.96
N GLY B 87 -20.10 -0.98 -10.46
CA GLY B 87 -21.36 -1.68 -10.69
C GLY B 87 -21.87 -1.44 -12.09
N GLU B 88 -22.91 -0.60 -12.19
CA GLU B 88 -23.49 -0.18 -13.46
C GLU B 88 -22.79 1.11 -13.92
N GLU B 89 -22.53 2.03 -12.94
CA GLU B 89 -21.90 3.34 -13.14
C GLU B 89 -20.36 3.24 -13.16
N VAL B 90 -19.73 4.34 -13.62
CA VAL B 90 -18.27 4.52 -13.73
C VAL B 90 -17.88 5.71 -12.79
N TYR B 91 -16.76 5.56 -12.04
CA TYR B 91 -16.27 6.55 -11.08
C TYR B 91 -14.87 7.07 -11.40
N GLU B 92 -14.63 8.38 -11.14
CA GLU B 92 -13.30 8.97 -11.28
C GLU B 92 -12.53 8.53 -10.06
N ALA B 93 -11.62 7.57 -10.28
CA ALA B 93 -10.88 6.91 -9.23
C ALA B 93 -9.40 7.28 -9.20
N ASP B 94 -8.77 7.03 -8.04
CA ASP B 94 -7.34 7.20 -7.85
C ASP B 94 -6.74 5.86 -7.49
N LYS B 95 -5.79 5.42 -8.35
CA LYS B 95 -5.15 4.13 -8.25
C LYS B 95 -3.77 4.28 -7.65
N GLN B 96 -3.52 3.53 -6.57
CA GLN B 96 -2.22 3.48 -5.89
C GLN B 96 -1.64 2.09 -6.02
N THR B 97 -0.50 1.96 -6.68
CA THR B 97 0.14 0.67 -6.90
C THR B 97 1.61 0.65 -6.35
N VAL B 98 2.00 -0.53 -5.82
CA VAL B 98 3.36 -0.84 -5.37
C VAL B 98 3.83 -2.11 -6.13
N TYR B 99 5.09 -2.11 -6.56
CA TYR B 99 5.71 -3.20 -7.30
C TYR B 99 6.79 -3.79 -6.42
N ASP B 100 6.76 -5.11 -6.18
CA ASP B 100 7.74 -5.82 -5.37
C ASP B 100 8.30 -7.00 -6.12
N TYR B 101 9.63 -7.19 -6.01
CA TYR B 101 10.38 -8.23 -6.69
C TYR B 101 11.04 -9.10 -5.65
N LYS B 102 10.97 -10.43 -5.81
CA LYS B 102 11.56 -11.50 -4.98
C LYS B 102 12.09 -12.54 -5.95
N GLY B 103 13.38 -12.44 -6.25
CA GLY B 103 14.00 -13.26 -7.27
C GLY B 103 13.53 -12.71 -8.61
N ASP B 104 12.88 -13.56 -9.44
CA ASP B 104 12.32 -13.10 -10.73
C ASP B 104 10.83 -12.74 -10.55
N THR B 105 10.12 -13.35 -9.54
CA THR B 105 8.70 -13.13 -9.19
C THR B 105 8.39 -11.65 -8.90
N ILE B 106 7.27 -11.15 -9.46
CA ILE B 106 6.81 -9.77 -9.33
C ILE B 106 5.42 -9.76 -8.68
N PHE B 107 5.29 -8.99 -7.62
CA PHE B 107 4.05 -8.74 -6.90
C PHE B 107 3.57 -7.36 -7.27
N ILE B 108 2.33 -7.26 -7.76
CA ILE B 108 1.73 -5.96 -8.10
C ILE B 108 0.47 -5.83 -7.24
N ASN B 109 0.43 -4.80 -6.40
CA ASN B 109 -0.74 -4.59 -5.54
C ASN B 109 -1.28 -3.18 -5.75
N SER B 110 -2.57 -3.10 -6.15
CA SER B 110 -3.26 -1.85 -6.45
C SER B 110 -4.49 -1.62 -5.59
N ASP B 111 -4.69 -0.37 -5.20
CA ASP B 111 -5.87 0.04 -4.48
C ASP B 111 -6.53 1.17 -5.22
N TYR B 112 -7.86 1.02 -5.46
CA TYR B 112 -8.68 2.01 -6.16
C TYR B 112 -9.66 2.69 -5.17
N ARG B 113 -9.53 4.02 -5.03
CA ARG B 113 -10.40 4.87 -4.22
C ARG B 113 -11.01 5.96 -5.09
N ALA B 114 -12.23 6.41 -4.75
CA ALA B 114 -12.87 7.51 -5.46
C ALA B 114 -12.14 8.79 -5.15
N THR B 115 -11.90 9.63 -6.19
CA THR B 115 -11.18 10.92 -6.03
C THR B 115 -11.98 11.86 -5.08
N SER B 116 -13.31 11.88 -5.27
CA SER B 116 -14.26 12.70 -4.55
C SER B 116 -14.20 12.53 -3.01
N ASP B 117 -14.63 11.36 -2.47
CA ASP B 117 -14.75 11.14 -1.03
C ASP B 117 -13.83 10.03 -0.48
N TYR B 118 -12.77 9.59 -1.23
CA TYR B 118 -11.77 8.57 -0.80
C TYR B 118 -12.40 7.19 -0.58
N ARG B 119 -13.70 7.01 -0.93
CA ARG B 119 -14.44 5.75 -0.82
C ARG B 119 -13.71 4.65 -1.55
N PHE B 120 -13.46 3.52 -0.84
CA PHE B 120 -12.77 2.35 -1.39
C PHE B 120 -13.63 1.71 -2.45
N LEU B 121 -13.04 1.42 -3.62
CA LEU B 121 -13.80 0.85 -4.72
C LEU B 121 -13.37 -0.57 -5.12
N LYS B 122 -12.04 -0.88 -5.13
CA LYS B 122 -11.49 -2.15 -5.64
C LYS B 122 -10.02 -2.34 -5.26
N LYS B 123 -9.62 -3.60 -5.01
CA LYS B 123 -8.27 -4.06 -4.71
C LYS B 123 -7.89 -5.14 -5.74
N VAL B 124 -6.72 -4.99 -6.37
CA VAL B 124 -6.20 -5.97 -7.34
C VAL B 124 -4.81 -6.41 -6.86
N GLN B 125 -4.58 -7.74 -6.78
CA GLN B 125 -3.32 -8.31 -6.34
C GLN B 125 -2.83 -9.30 -7.39
N GLY B 126 -1.71 -8.99 -8.02
CA GLY B 126 -1.17 -9.87 -9.05
C GLY B 126 0.21 -10.40 -8.72
N LYS B 127 0.42 -11.69 -9.02
CA LYS B 127 1.67 -12.43 -8.83
C LYS B 127 2.16 -12.93 -10.19
N TYR B 128 3.34 -12.49 -10.64
CA TYR B 128 3.93 -12.90 -11.91
C TYR B 128 5.09 -13.82 -11.61
N VAL B 129 4.98 -15.10 -12.01
CA VAL B 129 5.98 -16.14 -11.75
C VAL B 129 6.66 -16.55 -13.07
N PHE B 130 8.02 -16.56 -13.06
CA PHE B 130 8.88 -16.81 -14.22
C PHE B 130 9.67 -18.08 -14.07
N ASP B 131 10.01 -18.74 -15.17
CA ASP B 131 10.83 -19.96 -15.12
C ASP B 131 12.35 -19.59 -15.10
N GLN B 132 13.21 -20.61 -15.18
CA GLN B 132 14.67 -20.47 -15.14
C GLN B 132 15.18 -19.54 -16.27
N LEU B 133 14.57 -19.64 -17.48
CA LEU B 133 14.96 -18.84 -18.64
C LEU B 133 14.40 -17.40 -18.62
N GLY B 134 13.68 -17.02 -17.57
CA GLY B 134 13.12 -15.69 -17.44
C GLY B 134 11.78 -15.48 -18.13
N ARG B 135 11.20 -16.57 -18.67
CA ARG B 135 9.90 -16.55 -19.36
C ARG B 135 8.76 -16.53 -18.36
N LEU B 136 7.72 -15.70 -18.62
CA LEU B 136 6.55 -15.60 -17.74
C LEU B 136 5.71 -16.88 -17.88
N LYS B 137 5.64 -17.71 -16.82
CA LYS B 137 4.95 -19.01 -16.89
C LYS B 137 3.55 -18.96 -16.34
N GLU B 138 3.35 -18.22 -15.27
CA GLU B 138 2.08 -18.09 -14.59
C GLU B 138 1.80 -16.67 -14.14
N VAL B 139 0.51 -16.29 -14.06
CA VAL B 139 0.02 -15.03 -13.50
C VAL B 139 -1.19 -15.36 -12.62
N MSE B 140 -1.16 -14.93 -11.37
CA MSE B 140 -2.26 -15.09 -10.43
C MSE B 140 -2.76 -13.73 -10.03
O MSE B 140 -1.96 -12.88 -9.61
CB MSE B 140 -1.83 -15.91 -9.21
CG MSE B 140 -1.58 -17.37 -9.53
SE MSE B 140 0.24 -17.93 -9.11
CE MSE B 140 1.26 -16.87 -10.37
N THR B 141 -4.07 -13.50 -10.24
CA THR B 141 -4.70 -12.23 -9.91
C THR B 141 -5.90 -12.45 -9.04
N VAL B 142 -6.01 -11.65 -7.97
CA VAL B 142 -7.13 -11.66 -7.06
C VAL B 142 -7.75 -10.28 -7.07
N PHE B 143 -9.06 -10.22 -7.34
CA PHE B 143 -9.86 -9.00 -7.36
C PHE B 143 -10.80 -8.95 -6.16
N THR B 144 -10.63 -7.94 -5.30
CA THR B 144 -11.52 -7.73 -4.17
C THR B 144 -12.36 -6.48 -4.45
N GLU B 145 -13.68 -6.64 -4.43
CA GLU B 145 -14.62 -5.57 -4.67
C GLU B 145 -14.97 -4.90 -3.34
N ALA B 146 -15.57 -3.68 -3.41
CA ALA B 146 -15.94 -2.85 -2.26
C ALA B 146 -16.76 -3.64 -1.19
N ASN B 147 -17.67 -4.55 -1.64
CA ASN B 147 -18.51 -5.38 -0.78
C ASN B 147 -17.77 -6.62 -0.22
N ASP B 148 -16.44 -6.72 -0.47
CA ASP B 148 -15.51 -7.80 -0.05
C ASP B 148 -15.69 -9.08 -0.90
N SER B 149 -16.52 -9.05 -1.96
CA SER B 149 -16.68 -10.19 -2.87
C SER B 149 -15.38 -10.37 -3.67
N VAL B 150 -14.95 -11.64 -3.83
CA VAL B 150 -13.66 -11.96 -4.43
C VAL B 150 -13.82 -12.82 -5.69
N SER B 151 -13.10 -12.43 -6.72
CA SER B 151 -12.93 -13.18 -7.95
C SER B 151 -11.43 -13.34 -8.20
N SER B 152 -11.03 -14.36 -8.98
CA SER B 152 -9.62 -14.62 -9.25
C SER B 152 -9.42 -15.25 -10.61
N CYS B 153 -8.17 -15.22 -11.09
CA CYS B 153 -7.76 -15.82 -12.36
C CYS B 153 -6.35 -16.38 -12.25
N HIS B 154 -6.15 -17.62 -12.70
CA HIS B 154 -4.83 -18.24 -12.79
C HIS B 154 -4.59 -18.52 -14.26
N THR B 155 -3.64 -17.77 -14.85
CA THR B 155 -3.25 -17.82 -16.26
C THR B 155 -1.88 -18.55 -16.42
N TYR B 156 -1.81 -19.51 -17.36
CA TYR B 156 -0.64 -20.30 -17.71
C TYR B 156 -0.18 -19.95 -19.12
N TYR B 157 1.14 -19.86 -19.38
CA TYR B 157 1.71 -19.55 -20.70
C TYR B 157 2.67 -20.67 -21.15
N ASN B 158 2.52 -21.14 -22.40
CA ASN B 158 3.31 -22.19 -23.02
C ASN B 158 4.26 -21.59 -24.08
N TYR B 159 5.53 -22.05 -24.09
CA TYR B 159 6.62 -21.59 -24.99
C TYR B 159 7.28 -22.76 -25.77
N ASP B 160 6.57 -23.89 -25.95
CA ASP B 160 7.12 -25.08 -26.60
C ASP B 160 7.48 -24.82 -28.06
N ASN B 161 6.81 -23.87 -28.75
CA ASN B 161 7.10 -23.53 -30.15
C ASN B 161 8.39 -22.68 -30.25
N ASN B 162 8.91 -22.17 -29.13
CA ASN B 162 10.13 -21.36 -28.97
C ASN B 162 10.16 -20.18 -29.96
N ILE B 163 9.14 -19.32 -29.85
CA ILE B 163 8.98 -18.10 -30.62
C ILE B 163 9.77 -17.02 -29.90
N ASN B 164 10.72 -16.45 -30.61
CA ASN B 164 11.61 -15.41 -30.09
C ASN B 164 11.62 -14.23 -31.04
N TYR B 165 11.78 -13.05 -30.47
CA TYR B 165 11.80 -11.83 -31.24
C TYR B 165 12.86 -10.92 -30.69
N GLN B 166 13.15 -9.85 -31.46
CA GLN B 166 14.07 -8.81 -31.07
C GLN B 166 13.40 -7.49 -31.45
N ALA B 167 13.03 -6.68 -30.44
CA ALA B 167 12.40 -5.36 -30.62
C ALA B 167 12.75 -4.47 -29.45
N ASN B 168 12.58 -3.14 -29.61
CA ASN B 168 12.88 -2.18 -28.55
C ASN B 168 11.83 -2.27 -27.39
N LEU B 169 10.57 -2.59 -27.71
CA LEU B 169 9.49 -2.72 -26.75
C LEU B 169 9.34 -4.15 -26.26
N ASN B 170 8.69 -4.33 -25.10
CA ASN B 170 8.41 -5.66 -24.57
C ASN B 170 7.04 -6.03 -25.10
N LEU B 171 7.05 -6.69 -26.28
CA LEU B 171 5.85 -7.02 -27.05
C LEU B 171 4.93 -8.05 -26.33
N GLN B 172 5.39 -8.71 -25.23
CA GLN B 172 4.57 -9.61 -24.39
C GLN B 172 3.40 -8.87 -23.80
N ALA B 173 3.55 -7.52 -23.62
CA ALA B 173 2.52 -6.62 -23.08
C ALA B 173 1.24 -6.68 -23.91
N TYR B 174 1.36 -7.07 -25.18
CA TYR B 174 0.20 -7.14 -26.08
C TYR B 174 -0.54 -8.47 -25.91
N VAL B 175 0.00 -9.46 -25.13
CA VAL B 175 -0.65 -10.76 -24.96
C VAL B 175 -0.85 -11.20 -23.49
N ILE B 176 0.00 -10.73 -22.53
CA ILE B 176 -0.04 -11.18 -21.11
C ILE B 176 -1.16 -10.49 -20.32
N ASP B 177 -1.45 -11.02 -19.11
CA ASP B 177 -2.41 -10.55 -18.07
C ASP B 177 -1.92 -9.34 -17.31
N TYR B 178 -2.75 -8.32 -17.14
CA TYR B 178 -2.40 -7.15 -16.29
C TYR B 178 -3.69 -6.39 -15.95
N ASP B 179 -3.61 -5.53 -14.93
CA ASP B 179 -4.80 -4.74 -14.55
C ASP B 179 -4.55 -3.26 -14.89
N GLY B 180 -5.23 -2.78 -15.92
CA GLY B 180 -5.13 -1.37 -16.33
C GLY B 180 -4.06 -1.01 -17.33
N VAL B 181 -4.29 0.11 -18.02
CA VAL B 181 -3.43 0.67 -19.08
C VAL B 181 -2.05 1.05 -18.49
N ASP B 182 -2.02 1.40 -17.17
CA ASP B 182 -0.76 1.72 -16.49
C ASP B 182 0.11 0.46 -16.41
N SER B 183 -0.51 -0.72 -16.18
CA SER B 183 0.24 -1.98 -16.14
C SER B 183 0.70 -2.35 -17.54
N PHE B 184 -0.11 -2.01 -18.59
CA PHE B 184 0.28 -2.24 -19.99
C PHE B 184 1.63 -1.57 -20.24
N PHE B 185 1.71 -0.25 -19.95
CA PHE B 185 2.92 0.55 -20.13
C PHE B 185 4.05 0.06 -19.21
N TYR B 186 3.73 -0.35 -17.98
CA TYR B 186 4.72 -0.89 -17.05
C TYR B 186 5.47 -2.07 -17.68
N PHE B 187 4.75 -3.00 -18.35
CA PHE B 187 5.36 -4.16 -19.02
C PHE B 187 5.97 -3.78 -20.37
N LEU B 188 5.24 -3.00 -21.21
CA LEU B 188 5.70 -2.57 -22.56
C LEU B 188 7.03 -1.81 -22.51
N LEU B 189 7.23 -0.95 -21.49
CA LEU B 189 8.44 -0.12 -21.34
C LEU B 189 9.48 -0.80 -20.42
N ASN B 190 9.21 -2.07 -19.99
CA ASN B 190 10.06 -2.92 -19.14
C ASN B 190 10.50 -2.17 -17.88
N LEU B 191 9.54 -1.53 -17.16
CA LEU B 191 9.85 -0.77 -15.94
C LEU B 191 10.18 -1.73 -14.79
N GLY B 192 9.84 -3.02 -14.94
CA GLY B 192 10.19 -4.07 -13.98
C GLY B 192 11.60 -4.63 -14.20
N GLN B 193 12.28 -4.19 -15.29
CA GLN B 193 13.64 -4.52 -15.73
C GLN B 193 13.80 -6.08 -15.79
N LEU B 194 12.88 -6.71 -16.52
CA LEU B 194 12.76 -8.15 -16.72
C LEU B 194 13.97 -8.75 -17.45
N ARG B 195 14.41 -9.90 -16.93
CA ARG B 195 15.56 -10.72 -17.35
C ARG B 195 15.37 -11.21 -18.82
N ASN B 196 14.13 -11.57 -19.26
CA ASN B 196 13.89 -12.07 -20.63
C ASN B 196 12.81 -11.25 -21.33
N ARG B 197 13.24 -10.40 -22.26
CA ARG B 197 12.39 -9.50 -23.05
C ARG B 197 12.41 -9.96 -24.54
N THR B 198 12.69 -11.29 -24.73
CA THR B 198 12.88 -12.02 -25.97
C THR B 198 11.75 -13.08 -26.33
N ALA B 199 11.16 -13.79 -25.34
CA ALA B 199 10.21 -14.87 -25.60
C ALA B 199 8.77 -14.41 -25.80
N LEU B 200 7.99 -15.16 -26.63
CA LEU B 200 6.55 -14.92 -26.86
C LEU B 200 5.76 -16.21 -26.65
N PRO B 201 4.67 -16.21 -25.86
CA PRO B 201 3.92 -17.48 -25.65
C PRO B 201 3.15 -17.90 -26.91
N ASN B 202 3.12 -19.20 -27.19
CA ASN B 202 2.43 -19.74 -28.36
C ASN B 202 1.01 -20.10 -28.01
N ASP B 203 0.76 -20.43 -26.74
CA ASP B 203 -0.57 -20.79 -26.24
C ASP B 203 -0.77 -20.25 -24.83
N ILE B 204 -2.00 -19.84 -24.50
CA ILE B 204 -2.35 -19.30 -23.18
C ILE B 204 -3.55 -20.05 -22.67
N GLY B 205 -3.56 -20.34 -21.35
CA GLY B 205 -4.63 -21.05 -20.66
C GLY B 205 -5.11 -20.29 -19.44
N TYR B 206 -6.42 -19.96 -19.40
CA TYR B 206 -7.03 -19.18 -18.34
C TYR B 206 -7.94 -20.03 -17.43
N CYS B 207 -7.71 -19.99 -16.10
CA CYS B 207 -8.58 -20.70 -15.16
C CYS B 207 -9.18 -19.71 -14.15
N MSE B 208 -10.47 -19.38 -14.33
CA MSE B 208 -11.15 -18.43 -13.47
C MSE B 208 -11.88 -19.08 -12.32
O MSE B 208 -12.56 -20.12 -12.48
CB MSE B 208 -12.15 -17.55 -14.24
CG MSE B 208 -11.52 -16.42 -15.02
SE MSE B 208 -11.27 -17.02 -16.84
CE MSE B 208 -13.10 -16.68 -17.67
N ASN B 209 -11.77 -18.41 -11.15
CA ASN B 209 -12.43 -18.73 -9.89
C ASN B 209 -12.38 -20.24 -9.59
N HIS B 210 -11.14 -20.78 -9.67
CA HIS B 210 -10.74 -22.16 -9.39
C HIS B 210 -11.57 -23.16 -10.19
N GLY B 211 -11.80 -22.86 -11.46
CA GLY B 211 -12.46 -23.78 -12.37
C GLY B 211 -13.89 -23.52 -12.75
N LEU B 212 -14.51 -22.44 -12.21
CA LEU B 212 -15.92 -22.12 -12.53
C LEU B 212 -16.06 -21.83 -14.02
N SER B 213 -15.03 -21.28 -14.61
CA SER B 213 -14.92 -21.07 -16.03
C SER B 213 -13.44 -21.14 -16.43
N THR B 214 -13.18 -21.62 -17.66
CA THR B 214 -11.83 -21.77 -18.24
C THR B 214 -11.86 -21.27 -19.67
N TYR B 215 -10.71 -20.84 -20.19
CA TYR B 215 -10.62 -20.34 -21.55
C TYR B 215 -9.22 -20.66 -22.10
N ASN B 216 -9.13 -21.18 -23.33
CA ASN B 216 -7.83 -21.50 -23.95
C ASN B 216 -7.70 -20.84 -25.32
N VAL B 217 -6.59 -20.15 -25.54
CA VAL B 217 -6.35 -19.45 -26.80
C VAL B 217 -4.98 -19.84 -27.37
N HIS B 218 -4.77 -19.52 -28.65
CA HIS B 218 -3.52 -19.68 -29.36
C HIS B 218 -3.05 -18.31 -29.84
N ALA B 219 -1.76 -18.03 -29.67
CA ALA B 219 -1.16 -16.79 -30.16
C ALA B 219 -0.43 -17.06 -31.46
N ASN B 220 -0.65 -16.21 -32.47
CA ASN B 220 0.03 -16.38 -33.75
C ASN B 220 0.75 -15.14 -34.11
N TYR B 221 2.02 -15.29 -34.51
CA TYR B 221 2.89 -14.17 -34.82
C TYR B 221 3.47 -14.23 -36.19
N ARG B 222 3.39 -13.09 -36.92
CA ARG B 222 4.03 -12.88 -38.23
C ARG B 222 5.33 -12.15 -38.00
N LEU B 223 6.42 -12.77 -38.43
CA LEU B 223 7.73 -12.17 -38.22
C LEU B 223 8.36 -11.75 -39.54
N ASP B 224 8.78 -10.50 -39.58
CA ASP B 224 9.46 -9.85 -40.69
C ASP B 224 10.90 -9.68 -40.27
N ASP B 225 11.77 -10.58 -40.79
CA ASP B 225 13.20 -10.71 -40.48
C ASP B 225 13.43 -10.51 -38.95
N GLU B 226 12.87 -11.42 -38.12
CA GLU B 226 12.99 -11.53 -36.66
C GLU B 226 12.06 -10.55 -35.86
N ASN B 227 11.58 -9.42 -36.45
CA ASN B 227 10.69 -8.45 -35.77
C ASN B 227 9.19 -8.80 -35.98
N PRO B 228 8.36 -9.01 -34.90
CA PRO B 228 6.93 -9.33 -35.10
C PRO B 228 6.16 -8.15 -35.69
N VAL B 229 5.62 -8.35 -36.89
CA VAL B 229 4.87 -7.28 -37.54
C VAL B 229 3.36 -7.50 -37.31
N ARG B 230 2.97 -8.72 -36.93
CA ARG B 230 1.57 -8.99 -36.60
C ARG B 230 1.46 -9.95 -35.41
N ILE B 231 0.67 -9.55 -34.39
CA ILE B 231 0.35 -10.34 -33.21
C ILE B 231 -1.14 -10.67 -33.25
N GLU B 232 -1.49 -11.96 -33.20
CA GLU B 232 -2.90 -12.40 -33.19
C GLU B 232 -3.18 -13.37 -32.06
N VAL B 233 -4.40 -13.29 -31.50
CA VAL B 233 -4.82 -14.20 -30.45
C VAL B 233 -6.15 -14.81 -30.93
N LEU B 234 -6.15 -16.13 -31.14
CA LEU B 234 -7.32 -16.84 -31.67
C LEU B 234 -7.90 -17.88 -30.72
N TYR B 235 -9.24 -18.04 -30.80
CA TYR B 235 -10.02 -19.04 -30.09
C TYR B 235 -10.58 -20.02 -31.09
N ASN B 236 -10.49 -21.32 -30.80
CA ASN B 236 -11.00 -22.44 -31.61
C ASN B 236 -10.54 -22.31 -33.06
N TYR B 237 -9.26 -21.96 -33.23
CA TYR B 237 -8.50 -21.81 -34.48
C TYR B 237 -8.99 -20.66 -35.37
N THR B 238 -10.28 -20.28 -35.34
CA THR B 238 -10.78 -19.27 -36.29
C THR B 238 -11.32 -17.98 -35.63
N LYS B 239 -11.80 -18.01 -34.38
CA LYS B 239 -12.34 -16.80 -33.77
C LYS B 239 -11.18 -15.87 -33.38
N LEU B 240 -10.99 -14.78 -34.15
CA LEU B 240 -9.93 -13.79 -33.89
C LEU B 240 -10.37 -12.92 -32.76
N LEU B 241 -9.57 -12.87 -31.68
CA LEU B 241 -9.93 -12.09 -30.49
C LEU B 241 -9.19 -10.77 -30.48
N SER B 242 -7.96 -10.72 -31.01
CA SER B 242 -7.18 -9.50 -31.12
C SER B 242 -6.15 -9.61 -32.24
N ARG B 243 -5.89 -8.48 -32.90
CA ARG B 243 -4.90 -8.37 -33.95
C ARG B 243 -4.21 -7.04 -33.82
N ILE B 244 -2.90 -7.07 -33.58
CA ILE B 244 -2.05 -5.89 -33.46
C ILE B 244 -1.06 -5.95 -34.60
N ASP B 245 -1.04 -4.91 -35.45
CA ASP B 245 -0.09 -4.81 -36.55
C ASP B 245 1.00 -3.81 -36.13
N LEU B 246 2.29 -4.15 -36.36
CA LEU B 246 3.40 -3.29 -35.95
C LEU B 246 4.34 -2.97 -37.12
N SER B 247 4.86 -1.75 -37.14
CA SER B 247 5.80 -1.27 -38.15
C SER B 247 7.09 -0.84 -37.50
N TYR B 248 8.22 -1.05 -38.19
CA TYR B 248 9.55 -0.70 -37.69
C TYR B 248 10.25 0.31 -38.66
N ASN B 249 9.49 0.82 -39.65
CA ASN B 249 9.95 1.79 -40.65
C ASN B 249 9.99 3.22 -40.09
N PRO B 250 11.10 3.98 -40.33
CA PRO B 250 11.14 5.39 -39.87
C PRO B 250 10.25 6.26 -40.78
N LEU B 251 8.99 6.46 -40.33
CA LEU B 251 7.87 7.23 -40.91
C LEU B 251 6.55 6.85 -40.20
#